data_7NLF
#
_entry.id   7NLF
#
_cell.length_a   173.950
_cell.length_b   173.950
_cell.length_c   72.292
_cell.angle_alpha   90.000
_cell.angle_beta   90.000
_cell.angle_gamma   120.000
#
_symmetry.space_group_name_H-M   'H 3 2'
#
loop_
_entity.id
_entity.type
_entity.pdbx_description
1 polymer 'Acetylglutamate kinase'
2 non-polymer 'SULFATE ION'
3 non-polymer 1,2-ETHANEDIOL
4 water water
#
_entity_poly.entity_id   1
_entity_poly.type   'polypeptide(L)'
_entity_poly.pdbx_seq_one_letter_code
;GSMVSRIEALPTHIKAQVLAEALPWLKQLHGKVVVVKYGGNAMTDDTLRRAFAADMAFLRNCGIHPVVVHGGGPQITAML
RRLGIEGDFKGGFRVTTPEVLDVARMVLFGQVGRELVNLINAHGPYAVGITGEDAQLFTAVRRSVTVDGVATDIGLVGDV
DQVNTAAMLDLVAAGRIPVVSTLAPDADGVVHNINADTAAAAVAEALGAEKLLMLTDIDGLYTRWPDRDSLVSEIDTGTL
AQLLPTLESGMVPKVEACLRAVIGGVPSAHIIDGRVTHCVLVELFTDAGTGTKVVRG
;
_entity_poly.pdbx_strand_id   A
#
loop_
_chem_comp.id
_chem_comp.type
_chem_comp.name
_chem_comp.formula
EDO non-polymer 1,2-ETHANEDIOL 'C2 H6 O2'
SO4 non-polymer 'SULFATE ION' 'O4 S -2'
#
# COMPACT_ATOMS: atom_id res chain seq x y z
N ILE A 7 -13.21 15.99 -21.71
CA ILE A 7 -14.38 15.94 -20.84
C ILE A 7 -15.15 17.26 -20.94
N GLU A 8 -15.33 17.72 -22.16
CA GLU A 8 -15.95 19.01 -22.44
C GLU A 8 -17.14 18.92 -23.39
N ALA A 9 -17.02 18.16 -24.48
CA ALA A 9 -18.17 17.90 -25.34
C ALA A 9 -19.18 16.98 -24.68
N LEU A 10 -18.83 16.38 -23.55
CA LEU A 10 -19.70 15.41 -22.91
C LEU A 10 -20.90 16.12 -22.29
N PRO A 11 -22.13 15.72 -22.62
CA PRO A 11 -23.30 16.46 -22.14
C PRO A 11 -23.36 16.56 -20.63
N THR A 12 -23.97 17.66 -20.17
CA THR A 12 -23.97 17.99 -18.76
C THR A 12 -24.81 17.01 -17.95
N HIS A 13 -25.87 16.44 -18.53
CA HIS A 13 -26.68 15.47 -17.79
C HIS A 13 -25.93 14.16 -17.58
N ILE A 14 -24.91 13.87 -18.40
CA ILE A 14 -24.06 12.70 -18.18
C ILE A 14 -23.05 12.96 -17.07
N LYS A 15 -22.48 14.16 -17.02
CA LYS A 15 -21.61 14.54 -15.91
C LYS A 15 -22.35 14.44 -14.58
N ALA A 16 -23.61 14.87 -14.57
CA ALA A 16 -24.41 14.78 -13.35
C ALA A 16 -24.57 13.32 -12.92
N GLN A 17 -24.91 12.43 -13.86
CA GLN A 17 -25.13 11.04 -13.48
C GLN A 17 -23.86 10.41 -12.93
N VAL A 18 -22.70 10.76 -13.48
CA VAL A 18 -21.44 10.19 -13.01
C VAL A 18 -21.22 10.56 -11.54
N LEU A 19 -21.41 11.84 -11.22
CA LEU A 19 -21.26 12.30 -9.83
C LEU A 19 -22.32 11.68 -8.93
N ALA A 20 -23.57 11.64 -9.37
CA ALA A 20 -24.62 11.12 -8.51
C ALA A 20 -24.37 9.66 -8.16
N GLU A 21 -23.80 8.88 -9.09
CA GLU A 21 -23.51 7.48 -8.83
C GLU A 21 -22.37 7.29 -7.82
N ALA A 22 -21.66 8.36 -7.47
CA ALA A 22 -20.68 8.23 -6.39
C ALA A 22 -21.34 8.13 -5.03
N LEU A 23 -22.62 8.48 -4.93
CA LEU A 23 -23.23 8.68 -3.61
C LEU A 23 -23.16 7.45 -2.72
N PRO A 24 -23.53 6.23 -3.17
CA PRO A 24 -23.52 5.10 -2.24
C PRO A 24 -22.14 4.82 -1.66
N TRP A 25 -21.08 5.08 -2.43
CA TRP A 25 -19.76 4.85 -1.90
C TRP A 25 -19.27 5.98 -1.00
N LEU A 26 -19.67 7.23 -1.28
CA LEU A 26 -19.41 8.30 -0.32
C LEU A 26 -20.05 7.98 1.03
N LYS A 27 -21.27 7.42 1.01
CA LYS A 27 -21.94 7.06 2.26
C LYS A 27 -21.20 5.94 2.97
N GLN A 28 -20.69 4.97 2.20
CA GLN A 28 -20.00 3.83 2.78
C GLN A 28 -18.71 4.27 3.47
N LEU A 29 -18.02 5.26 2.92
CA LEU A 29 -16.68 5.64 3.34
C LEU A 29 -16.62 6.88 4.23
N HIS A 30 -17.71 7.66 4.32
CA HIS A 30 -17.65 8.88 5.12
C HIS A 30 -17.21 8.55 6.54
N GLY A 31 -16.19 9.29 7.01
CA GLY A 31 -15.69 9.07 8.35
C GLY A 31 -14.91 7.79 8.55
N LYS A 32 -14.55 7.08 7.49
CA LYS A 32 -13.88 5.80 7.64
C LYS A 32 -12.44 5.86 7.18
N VAL A 33 -11.64 4.95 7.72
CA VAL A 33 -10.23 4.83 7.35
C VAL A 33 -10.10 3.98 6.10
N VAL A 34 -9.28 4.43 5.15
CA VAL A 34 -8.96 3.67 3.95
C VAL A 34 -7.45 3.66 3.84
N VAL A 35 -6.86 2.46 3.89
CA VAL A 35 -5.41 2.34 3.79
C VAL A 35 -5.06 2.02 2.34
N VAL A 36 -4.10 2.74 1.78
CA VAL A 36 -3.73 2.61 0.38
C VAL A 36 -2.26 2.27 0.30
N LYS A 37 -1.94 1.08 -0.23
CA LYS A 37 -0.55 0.78 -0.58
C LYS A 37 -0.24 1.40 -1.93
N TYR A 38 0.82 2.20 -1.96
CA TYR A 38 1.19 2.99 -3.11
C TYR A 38 2.58 2.57 -3.56
N GLY A 39 2.67 2.09 -4.79
CA GLY A 39 3.95 1.69 -5.38
C GLY A 39 3.79 1.52 -6.87
N GLY A 40 4.79 0.89 -7.49
CA GLY A 40 4.71 0.64 -8.93
C GLY A 40 4.76 1.91 -9.77
N ASN A 41 4.20 1.80 -10.98
CA ASN A 41 4.20 2.93 -11.90
C ASN A 41 3.38 4.12 -11.38
N ALA A 42 2.41 3.88 -10.49
CA ALA A 42 1.71 5.00 -9.86
C ALA A 42 2.67 5.90 -9.10
N MET A 43 3.83 5.38 -8.73
CA MET A 43 4.85 6.10 -7.98
C MET A 43 5.91 6.74 -8.86
N THR A 44 6.03 6.33 -10.13
CA THR A 44 7.16 6.75 -10.96
C THR A 44 6.80 7.70 -12.09
N ASP A 45 5.56 7.75 -12.54
CA ASP A 45 5.18 8.63 -13.64
C ASP A 45 4.53 9.88 -13.07
N ASP A 46 4.93 11.04 -13.61
CA ASP A 46 4.52 12.31 -13.02
C ASP A 46 3.01 12.50 -13.10
N THR A 47 2.39 12.05 -14.19
CA THR A 47 0.94 12.20 -14.31
C THR A 47 0.21 11.28 -13.34
N LEU A 48 0.63 10.01 -13.24
CA LEU A 48 -0.01 9.09 -12.32
C LEU A 48 0.18 9.53 -10.87
N ARG A 49 1.40 9.98 -10.53
CA ARG A 49 1.71 10.49 -9.19
C ARG A 49 0.84 11.68 -8.82
N ARG A 50 0.82 12.70 -9.68
CA ARG A 50 0.06 13.91 -9.37
C ARG A 50 -1.42 13.58 -9.19
N ALA A 51 -1.94 12.65 -10.00
CA ALA A 51 -3.32 12.21 -9.85
C ALA A 51 -3.52 11.45 -8.55
N PHE A 52 -2.55 10.61 -8.17
CA PHE A 52 -2.67 9.91 -6.90
C PHE A 52 -2.77 10.91 -5.75
N ALA A 53 -1.85 11.88 -5.72
CA ALA A 53 -1.88 12.89 -4.66
C ALA A 53 -3.20 13.65 -4.65
N ALA A 54 -3.76 13.94 -5.84
CA ALA A 54 -5.04 14.63 -5.90
C ALA A 54 -6.16 13.77 -5.35
N ASP A 55 -6.11 12.47 -5.60
CA ASP A 55 -7.14 11.58 -5.08
C ASP A 55 -7.07 11.45 -3.57
N MET A 56 -5.85 11.47 -2.99
CA MET A 56 -5.74 11.54 -1.54
C MET A 56 -6.36 12.81 -1.00
N ALA A 57 -6.18 13.93 -1.71
CA ALA A 57 -6.80 15.17 -1.29
C ALA A 57 -8.32 15.11 -1.46
N PHE A 58 -8.76 14.44 -2.52
CA PHE A 58 -10.19 14.21 -2.76
C PHE A 58 -10.81 13.49 -1.57
N LEU A 59 -10.23 12.34 -1.18
CA LEU A 59 -10.79 11.59 -0.06
C LEU A 59 -10.88 12.46 1.19
N ARG A 60 -9.81 13.22 1.45
CA ARG A 60 -9.76 14.08 2.63
C ARG A 60 -10.82 15.17 2.58
N ASN A 61 -11.11 15.70 1.40
CA ASN A 61 -12.13 16.74 1.29
C ASN A 61 -13.53 16.15 1.13
N CYS A 62 -13.66 14.84 1.27
CA CYS A 62 -14.95 14.18 1.44
C CYS A 62 -15.20 13.73 2.88
N GLY A 63 -14.24 13.96 3.79
CA GLY A 63 -14.39 13.47 5.15
C GLY A 63 -14.03 12.01 5.33
N ILE A 64 -13.34 11.43 4.34
CA ILE A 64 -12.74 10.09 4.39
C ILE A 64 -11.33 10.26 4.93
N HIS A 65 -10.81 9.25 5.62
CA HIS A 65 -9.49 9.33 6.24
C HIS A 65 -8.48 8.43 5.57
N PRO A 66 -7.80 8.87 4.52
CA PRO A 66 -6.81 8.01 3.87
C PRO A 66 -5.54 7.88 4.71
N VAL A 67 -4.93 6.71 4.63
CA VAL A 67 -3.61 6.44 5.22
C VAL A 67 -2.77 5.78 4.13
N VAL A 68 -1.65 6.39 3.78
CA VAL A 68 -0.83 5.93 2.66
C VAL A 68 0.40 5.20 3.20
N VAL A 69 0.61 3.97 2.71
CA VAL A 69 1.80 3.18 2.99
C VAL A 69 2.53 3.00 1.66
N HIS A 70 3.80 3.41 1.61
CA HIS A 70 4.53 3.41 0.35
C HIS A 70 5.71 2.44 0.37
N GLY A 71 6.11 2.01 -0.82
CA GLY A 71 7.30 1.20 -0.98
C GLY A 71 8.43 1.98 -1.63
N GLY A 72 9.35 1.30 -2.30
CA GLY A 72 10.49 1.99 -2.87
C GLY A 72 11.69 1.10 -3.09
N GLY A 73 11.44 -0.19 -3.33
CA GLY A 73 12.46 -1.16 -3.62
C GLY A 73 13.50 -0.71 -4.63
N PRO A 74 13.08 -0.32 -5.83
CA PRO A 74 14.07 0.05 -6.86
C PRO A 74 14.85 1.31 -6.54
N GLN A 75 14.25 2.29 -5.85
CA GLN A 75 14.99 3.47 -5.44
C GLN A 75 16.10 3.11 -4.46
N ILE A 76 15.85 2.11 -3.61
CA ILE A 76 16.88 1.68 -2.66
C ILE A 76 18.05 1.08 -3.42
N THR A 77 17.76 0.09 -4.28
CA THR A 77 18.78 -0.52 -5.12
C THR A 77 19.60 0.53 -5.88
N ALA A 78 18.91 1.50 -6.49
CA ALA A 78 19.63 2.54 -7.21
C ALA A 78 20.60 3.28 -6.30
N MET A 79 20.18 3.61 -5.06
CA MET A 79 21.07 4.36 -4.19
C MET A 79 22.23 3.52 -3.69
N LEU A 80 21.98 2.24 -3.39
CA LEU A 80 23.06 1.34 -2.99
C LEU A 80 24.12 1.26 -4.08
N ARG A 81 23.69 1.18 -5.34
CA ARG A 81 24.65 1.13 -6.43
C ARG A 81 25.41 2.44 -6.53
N ARG A 82 24.71 3.57 -6.32
CA ARG A 82 25.41 4.86 -6.36
C ARG A 82 26.46 4.93 -5.26
N LEU A 83 26.17 4.40 -4.08
CA LEU A 83 27.10 4.43 -2.97
C LEU A 83 28.17 3.34 -3.07
N GLY A 84 28.13 2.51 -4.09
CA GLY A 84 29.11 1.44 -4.21
C GLY A 84 29.01 0.38 -3.14
N ILE A 85 27.85 0.21 -2.53
CA ILE A 85 27.66 -0.78 -1.47
C ILE A 85 27.41 -2.14 -2.13
N GLU A 86 28.39 -3.03 -2.07
CA GLU A 86 28.23 -4.35 -2.65
C GLU A 86 27.18 -5.14 -1.88
N GLY A 87 26.29 -5.82 -2.61
CA GLY A 87 25.24 -6.58 -1.97
C GLY A 87 25.66 -8.01 -1.68
N ASP A 88 25.04 -8.59 -0.66
CA ASP A 88 25.08 -10.03 -0.41
C ASP A 88 23.68 -10.57 -0.66
N PHE A 89 23.60 -11.71 -1.34
CA PHE A 89 22.31 -12.25 -1.73
C PHE A 89 22.18 -13.71 -1.30
N LYS A 90 21.11 -14.00 -0.56
CA LYS A 90 20.69 -15.36 -0.25
C LYS A 90 19.40 -15.62 -1.01
N GLY A 91 19.40 -16.68 -1.82
CA GLY A 91 18.29 -16.85 -2.75
C GLY A 91 18.22 -15.64 -3.64
N GLY A 92 17.02 -15.08 -3.79
CA GLY A 92 16.90 -13.85 -4.53
C GLY A 92 16.81 -12.61 -3.64
N PHE A 93 17.20 -12.76 -2.38
CA PHE A 93 17.03 -11.71 -1.38
C PHE A 93 18.36 -11.04 -1.07
N ARG A 94 18.37 -9.71 -1.16
CA ARG A 94 19.50 -8.94 -0.64
C ARG A 94 19.52 -9.05 0.89
N VAL A 95 20.71 -9.23 1.46
CA VAL A 95 20.83 -9.23 2.92
C VAL A 95 20.86 -7.79 3.41
N THR A 96 19.97 -7.48 4.36
CA THR A 96 19.89 -6.12 4.91
C THR A 96 20.82 -6.00 6.12
N THR A 97 22.08 -5.66 5.84
CA THR A 97 23.06 -5.33 6.87
C THR A 97 22.68 -4.00 7.54
N PRO A 98 23.32 -3.66 8.68
CA PRO A 98 23.10 -2.33 9.26
C PRO A 98 23.30 -1.20 8.27
N GLU A 99 24.31 -1.33 7.40
CA GLU A 99 24.58 -0.32 6.39
C GLU A 99 23.45 -0.22 5.37
N VAL A 100 22.97 -1.36 4.89
CA VAL A 100 21.88 -1.35 3.91
C VAL A 100 20.62 -0.78 4.56
N LEU A 101 20.41 -1.08 5.84
CA LEU A 101 19.22 -0.47 6.48
C LEU A 101 19.33 1.06 6.45
N ASP A 102 20.46 1.60 6.93
CA ASP A 102 20.58 3.05 6.93
C ASP A 102 20.21 3.64 5.58
N VAL A 103 20.68 3.02 4.48
CA VAL A 103 20.36 3.53 3.15
C VAL A 103 18.87 3.39 2.86
N ALA A 104 18.30 2.22 3.16
CA ALA A 104 16.89 2.00 2.93
C ALA A 104 16.05 3.04 3.66
N ARG A 105 16.34 3.25 4.94
CA ARG A 105 15.59 4.23 5.71
C ARG A 105 15.76 5.63 5.13
N MET A 106 16.98 6.01 4.81
CA MET A 106 17.22 7.32 4.26
C MET A 106 16.52 7.53 2.92
N VAL A 107 16.46 6.52 2.10
CA VAL A 107 15.79 6.63 0.79
C VAL A 107 14.27 6.63 0.96
N LEU A 108 13.75 5.69 1.75
CA LEU A 108 12.30 5.60 1.92
C LEU A 108 11.74 6.84 2.60
N PHE A 109 12.31 7.23 3.72
CA PHE A 109 11.76 8.33 4.52
C PHE A 109 12.23 9.69 4.00
N GLY A 110 13.48 9.79 3.56
CA GLY A 110 14.04 11.07 3.20
C GLY A 110 13.97 11.42 1.73
N GLN A 111 13.47 10.51 0.90
CA GLN A 111 13.34 10.78 -0.53
C GLN A 111 11.95 10.40 -1.03
N VAL A 112 11.62 9.11 -0.99
CA VAL A 112 10.38 8.62 -1.57
C VAL A 112 9.17 9.22 -0.85
N GLY A 113 9.14 9.11 0.48
CA GLY A 113 8.04 9.70 1.25
C GLY A 113 7.96 11.21 1.11
N ARG A 114 9.11 11.88 0.99
CA ARG A 114 9.11 13.34 0.83
C ARG A 114 8.40 13.75 -0.45
N GLU A 115 8.65 13.03 -1.54
CA GLU A 115 8.04 13.39 -2.82
C GLU A 115 6.51 13.33 -2.71
N LEU A 116 5.99 12.27 -2.11
CA LEU A 116 4.53 12.14 -2.00
C LEU A 116 3.95 13.18 -1.05
N VAL A 117 4.64 13.47 0.03
CA VAL A 117 4.16 14.45 0.98
C VAL A 117 3.99 15.79 0.30
N ASN A 118 4.98 16.17 -0.49
CA ASN A 118 4.93 17.44 -1.15
C ASN A 118 3.90 17.50 -2.25
N LEU A 119 3.65 16.39 -2.90
CA LEU A 119 2.65 16.35 -3.94
C LEU A 119 1.28 16.55 -3.34
N ILE A 120 0.99 15.79 -2.30
CA ILE A 120 -0.27 15.89 -1.62
C ILE A 120 -0.44 17.29 -1.07
N ASN A 121 0.59 17.83 -0.47
CA ASN A 121 0.51 19.14 0.10
C ASN A 121 0.39 20.31 -0.83
N ALA A 122 0.34 20.02 -2.10
CA ALA A 122 0.10 21.06 -3.05
C ALA A 122 -1.38 21.43 -2.94
N HIS A 123 -2.17 20.56 -2.33
CA HIS A 123 -3.59 20.75 -2.15
C HIS A 123 -3.99 21.22 -0.78
N GLY A 124 -3.07 21.24 0.16
CA GLY A 124 -3.38 21.66 1.50
C GLY A 124 -2.48 21.07 2.54
N PRO A 125 -2.67 21.55 3.83
CA PRO A 125 -1.75 20.99 4.83
C PRO A 125 -2.15 19.61 5.29
N TYR A 126 -2.13 18.67 4.38
CA TYR A 126 -2.56 17.33 4.71
C TYR A 126 -1.55 16.27 5.08
N ALA A 127 -0.61 15.98 4.20
CA ALA A 127 0.35 14.93 4.43
C ALA A 127 1.38 15.13 5.52
N VAL A 128 1.66 14.05 6.21
CA VAL A 128 2.63 14.03 7.28
C VAL A 128 3.37 12.70 7.21
N GLY A 129 4.68 12.75 7.15
CA GLY A 129 5.45 11.53 7.07
C GLY A 129 5.83 10.90 8.37
N ILE A 130 5.78 9.60 8.43
CA ILE A 130 6.12 8.89 9.64
C ILE A 130 6.65 7.51 9.40
N THR A 131 7.34 6.96 10.39
CA THR A 131 7.82 5.60 10.35
C THR A 131 7.40 5.06 11.67
N GLY A 132 7.68 3.79 11.90
CA GLY A 132 7.35 3.19 13.15
C GLY A 132 8.19 3.79 14.25
N GLU A 133 9.29 4.44 13.91
CA GLU A 133 10.16 5.05 14.89
C GLU A 133 9.49 6.22 15.59
N ASP A 134 8.69 6.98 14.85
CA ASP A 134 8.15 8.23 15.38
C ASP A 134 7.05 7.91 16.38
N ALA A 135 7.16 8.49 17.58
CA ALA A 135 6.22 8.24 18.68
C ALA A 135 5.99 6.76 18.92
N GLN A 136 6.99 5.91 18.58
CA GLN A 136 6.85 4.45 18.64
C GLN A 136 5.50 4.01 18.06
N LEU A 137 5.21 4.50 16.85
CA LEU A 137 3.91 4.26 16.25
C LEU A 137 3.70 2.79 15.92
N PHE A 138 4.75 2.08 15.52
CA PHE A 138 4.65 0.63 15.44
C PHE A 138 6.02 0.02 15.60
N THR A 139 6.03 -1.26 15.93
CA THR A 139 7.24 -2.02 16.15
C THR A 139 7.37 -3.10 15.08
N ALA A 140 8.58 -3.63 14.94
CA ALA A 140 8.85 -4.73 14.03
C ALA A 140 9.31 -5.96 14.80
N VAL A 141 9.12 -7.12 14.18
CA VAL A 141 9.73 -8.36 14.63
C VAL A 141 10.49 -8.94 13.44
N ARG A 142 11.73 -9.36 13.69
CA ARG A 142 12.56 -9.85 12.60
C ARG A 142 11.91 -11.07 11.96
N ARG A 143 11.93 -11.10 10.63
CA ARG A 143 11.35 -12.19 9.86
C ARG A 143 12.46 -12.95 9.13
N SER A 144 12.24 -14.25 8.94
CA SER A 144 13.06 -15.05 8.07
C SER A 144 12.32 -15.27 6.76
N VAL A 145 13.06 -15.71 5.75
CA VAL A 145 12.49 -16.04 4.46
C VAL A 145 12.82 -17.50 4.16
N THR A 146 11.97 -18.12 3.36
CA THR A 146 12.17 -19.50 2.93
C THR A 146 12.88 -19.48 1.59
N VAL A 147 14.03 -20.14 1.51
CA VAL A 147 14.81 -20.22 0.26
C VAL A 147 15.33 -21.64 0.09
N ASP A 148 15.08 -22.21 -1.09
CA ASP A 148 15.43 -23.60 -1.38
C ASP A 148 14.88 -24.54 -0.31
N GLY A 149 13.76 -24.16 0.29
CA GLY A 149 13.10 -24.98 1.28
C GLY A 149 13.58 -24.82 2.72
N VAL A 150 14.42 -23.82 3.01
CA VAL A 150 14.93 -23.62 4.36
C VAL A 150 14.75 -22.16 4.76
N ALA A 151 14.27 -21.94 5.97
CA ALA A 151 14.12 -20.58 6.49
C ALA A 151 15.50 -19.99 6.80
N THR A 152 15.68 -18.73 6.43
CA THR A 152 17.01 -18.14 6.39
C THR A 152 16.95 -16.69 6.85
N ASP A 153 17.99 -16.25 7.56
CA ASP A 153 18.09 -14.86 8.00
C ASP A 153 18.70 -14.00 6.88
N ILE A 154 18.02 -12.91 6.56
CA ILE A 154 18.52 -11.98 5.55
C ILE A 154 18.65 -10.59 6.17
N GLY A 155 19.02 -10.56 7.45
CA GLY A 155 19.32 -9.31 8.10
C GLY A 155 18.13 -8.60 8.72
N LEU A 156 18.19 -7.26 8.72
CA LEU A 156 17.26 -6.42 9.47
C LEU A 156 15.96 -6.17 8.70
N VAL A 157 15.26 -7.25 8.41
CA VAL A 157 13.96 -7.16 7.75
C VAL A 157 12.95 -7.82 8.66
N GLY A 158 11.74 -7.26 8.71
CA GLY A 158 10.77 -7.77 9.66
C GLY A 158 9.35 -7.60 9.20
N ASP A 159 8.44 -7.97 10.10
CA ASP A 159 7.01 -7.76 9.95
C ASP A 159 6.54 -6.81 11.04
N VAL A 160 5.43 -6.12 10.79
CA VAL A 160 4.85 -5.26 11.82
C VAL A 160 4.50 -6.11 13.03
N ASP A 161 4.91 -5.67 14.21
CA ASP A 161 4.63 -6.42 15.44
C ASP A 161 3.38 -5.86 16.13
N GLN A 162 3.48 -4.69 16.75
CA GLN A 162 2.34 -4.02 17.35
C GLN A 162 2.21 -2.62 16.78
N VAL A 163 0.98 -2.10 16.77
CA VAL A 163 0.66 -0.79 16.21
C VAL A 163 0.02 0.04 17.30
N ASN A 164 0.47 1.29 17.46
CA ASN A 164 -0.18 2.21 18.38
C ASN A 164 -1.44 2.75 17.71
N THR A 165 -2.49 1.93 17.76
CA THR A 165 -3.73 2.29 17.07
C THR A 165 -4.25 3.66 17.48
N ALA A 166 -4.23 3.95 18.79
CA ALA A 166 -4.81 5.20 19.27
C ALA A 166 -4.04 6.41 18.75
N ALA A 167 -2.71 6.40 18.89
CA ALA A 167 -1.93 7.54 18.43
C ALA A 167 -2.05 7.72 16.92
N MET A 168 -2.14 6.62 16.18
CA MET A 168 -2.29 6.72 14.73
C MET A 168 -3.63 7.36 14.35
N LEU A 169 -4.72 6.96 15.02
CA LEU A 169 -6.02 7.53 14.72
C LEU A 169 -6.13 8.97 15.21
N ASP A 170 -5.40 9.33 16.26
CA ASP A 170 -5.33 10.73 16.65
C ASP A 170 -4.79 11.58 15.52
N LEU A 171 -3.82 11.05 14.77
CA LEU A 171 -3.23 11.81 13.68
C LEU A 171 -4.25 12.03 12.55
N VAL A 172 -5.01 10.99 12.17
CA VAL A 172 -6.00 11.21 11.13
C VAL A 172 -7.15 12.06 11.64
N ALA A 173 -7.43 12.01 12.95
CA ALA A 173 -8.47 12.86 13.51
C ALA A 173 -8.11 14.34 13.41
N ALA A 174 -6.81 14.65 13.44
CA ALA A 174 -6.39 16.03 13.22
C ALA A 174 -6.61 16.49 11.78
N GLY A 175 -7.13 15.64 10.90
CA GLY A 175 -7.24 16.00 9.50
C GLY A 175 -6.00 15.71 8.68
N ARG A 176 -5.06 14.90 9.20
CA ARG A 176 -3.80 14.59 8.53
C ARG A 176 -3.91 13.34 7.69
N ILE A 177 -3.04 13.26 6.70
CA ILE A 177 -2.93 12.09 5.88
C ILE A 177 -1.56 11.53 6.14
N PRO A 178 -1.51 10.42 6.96
CA PRO A 178 -0.16 9.89 7.19
C PRO A 178 0.43 9.21 5.97
N VAL A 179 1.70 9.43 5.72
CA VAL A 179 2.41 8.80 4.65
C VAL A 179 3.45 7.98 5.36
N VAL A 180 3.26 6.68 5.38
CA VAL A 180 4.11 5.79 6.10
C VAL A 180 5.27 5.09 5.36
N SER A 181 6.47 5.27 5.86
CA SER A 181 7.66 4.62 5.34
C SER A 181 7.79 3.45 6.28
N THR A 182 7.86 2.27 5.73
CA THR A 182 7.88 1.06 6.53
C THR A 182 9.12 0.62 7.29
N LEU A 183 9.57 1.44 8.21
CA LEU A 183 10.70 1.09 9.05
C LEU A 183 10.24 1.20 10.49
N ALA A 184 10.68 0.30 11.34
CA ALA A 184 10.25 0.33 12.72
C ALA A 184 11.22 -0.37 13.61
N PRO A 185 11.31 0.05 14.85
CA PRO A 185 12.23 -0.63 15.78
C PRO A 185 11.67 -1.96 16.26
N ASP A 186 12.57 -2.88 16.56
CA ASP A 186 12.15 -4.12 17.22
C ASP A 186 12.08 -3.83 18.72
N ALA A 187 11.87 -4.87 19.52
CA ALA A 187 11.72 -4.63 20.96
C ALA A 187 13.00 -4.12 21.61
N ASP A 188 14.15 -4.22 20.94
CA ASP A 188 15.40 -3.71 21.48
C ASP A 188 15.79 -2.36 20.88
N GLY A 189 14.89 -1.72 20.14
CA GLY A 189 15.18 -0.44 19.54
C GLY A 189 15.90 -0.51 18.19
N VAL A 190 16.16 -1.70 17.67
CA VAL A 190 16.94 -1.83 16.43
C VAL A 190 15.98 -1.78 15.24
N VAL A 191 16.16 -0.79 14.38
CA VAL A 191 15.21 -0.51 13.31
C VAL A 191 15.37 -1.54 12.18
N HIS A 192 14.23 -2.06 11.72
CA HIS A 192 14.13 -3.03 10.63
C HIS A 192 13.39 -2.41 9.45
N ASN A 193 13.65 -2.94 8.26
CA ASN A 193 12.87 -2.60 7.06
C ASN A 193 11.74 -3.61 6.92
N ILE A 194 10.52 -3.12 6.72
CA ILE A 194 9.34 -3.98 6.59
C ILE A 194 8.82 -3.90 5.16
N ASN A 195 8.49 -5.06 4.59
CA ASN A 195 7.84 -5.09 3.27
C ASN A 195 6.59 -4.21 3.29
N ALA A 196 6.46 -3.35 2.28
CA ALA A 196 5.40 -2.35 2.32
C ALA A 196 4.02 -2.95 2.11
N ASP A 197 3.93 -4.02 1.32
CA ASP A 197 2.64 -4.68 1.12
C ASP A 197 2.14 -5.27 2.43
N THR A 198 2.99 -6.03 3.13
CA THR A 198 2.56 -6.62 4.40
C THR A 198 2.29 -5.54 5.46
N ALA A 199 3.13 -4.51 5.52
CA ALA A 199 2.88 -3.44 6.47
C ALA A 199 1.52 -2.79 6.22
N ALA A 200 1.14 -2.65 4.95
CA ALA A 200 -0.13 -2.00 4.63
C ALA A 200 -1.30 -2.80 5.15
N ALA A 201 -1.27 -4.13 4.96
CA ALA A 201 -2.30 -4.99 5.52
C ALA A 201 -2.34 -4.90 7.04
N ALA A 202 -1.17 -4.85 7.68
CA ALA A 202 -1.13 -4.78 9.15
C ALA A 202 -1.72 -3.47 9.65
N VAL A 203 -1.39 -2.36 9.00
CA VAL A 203 -1.94 -1.06 9.38
C VAL A 203 -3.46 -1.07 9.19
N ALA A 204 -3.94 -1.61 8.08
CA ALA A 204 -5.38 -1.65 7.81
C ALA A 204 -6.12 -2.39 8.91
N GLU A 205 -5.63 -3.56 9.29
CA GLU A 205 -6.28 -4.33 10.35
C GLU A 205 -6.22 -3.61 11.68
N ALA A 206 -5.07 -3.04 12.03
CA ALA A 206 -4.94 -2.39 13.33
C ALA A 206 -5.81 -1.15 13.42
N LEU A 207 -5.95 -0.40 12.33
CA LEU A 207 -6.76 0.81 12.34
C LEU A 207 -8.25 0.56 12.12
N GLY A 208 -8.67 -0.68 11.92
CA GLY A 208 -10.07 -0.91 11.63
C GLY A 208 -10.49 -0.27 10.32
N ALA A 209 -9.63 -0.36 9.30
CA ALA A 209 -9.90 0.29 8.02
C ALA A 209 -11.13 -0.31 7.37
N GLU A 210 -11.85 0.53 6.63
CA GLU A 210 -12.99 0.04 5.87
C GLU A 210 -12.57 -0.66 4.58
N LYS A 211 -11.47 -0.22 3.97
CA LYS A 211 -10.93 -0.85 2.77
C LYS A 211 -9.41 -0.82 2.82
N LEU A 212 -8.79 -1.80 2.18
CA LEU A 212 -7.36 -1.77 1.85
C LEU A 212 -7.25 -1.75 0.34
N LEU A 213 -6.59 -0.74 -0.22
CA LEU A 213 -6.32 -0.67 -1.65
C LEU A 213 -4.84 -1.01 -1.89
N MET A 214 -4.57 -1.88 -2.86
CA MET A 214 -3.22 -2.29 -3.23
C MET A 214 -2.95 -1.88 -4.67
N LEU A 215 -2.24 -0.77 -4.89
CA LEU A 215 -1.93 -0.34 -6.25
C LEU A 215 -0.82 -1.22 -6.81
N THR A 216 -1.08 -1.87 -7.94
CA THR A 216 -0.10 -2.72 -8.61
C THR A 216 -0.12 -2.42 -10.11
N ASP A 217 0.89 -2.91 -10.82
CA ASP A 217 0.95 -2.68 -12.27
C ASP A 217 0.32 -3.83 -13.05
N ILE A 218 -0.91 -4.23 -12.72
CA ILE A 218 -1.64 -5.24 -13.48
C ILE A 218 -3.13 -4.91 -13.44
N ASP A 219 -3.87 -5.44 -14.42
CA ASP A 219 -5.31 -5.21 -14.50
C ASP A 219 -6.02 -5.71 -13.24
N GLY A 220 -5.51 -6.78 -12.68
CA GLY A 220 -6.15 -7.44 -11.56
C GLY A 220 -5.66 -8.87 -11.49
N LEU A 221 -6.24 -9.59 -10.55
CA LEU A 221 -5.87 -10.98 -10.33
C LEU A 221 -6.33 -11.86 -11.49
N TYR A 222 -5.36 -12.46 -12.16
CA TYR A 222 -5.62 -13.54 -13.10
C TYR A 222 -5.41 -14.86 -12.37
N THR A 223 -6.40 -15.76 -12.43
CA THR A 223 -6.25 -17.06 -11.79
C THR A 223 -5.44 -18.02 -12.65
N ARG A 224 -5.51 -17.87 -13.97
CA ARG A 224 -4.77 -18.72 -14.90
C ARG A 224 -4.03 -17.84 -15.91
N TRP A 225 -3.12 -17.00 -15.41
CA TRP A 225 -2.34 -16.14 -16.28
C TRP A 225 -1.57 -17.00 -17.27
N PRO A 226 -1.52 -16.59 -18.55
CA PRO A 226 -2.04 -15.34 -19.12
C PRO A 226 -3.38 -15.44 -19.87
N ASP A 227 -4.24 -16.42 -19.55
CA ASP A 227 -5.57 -16.46 -20.16
C ASP A 227 -6.34 -15.21 -19.76
N ARG A 228 -6.75 -14.42 -20.78
CA ARG A 228 -7.43 -13.16 -20.52
C ARG A 228 -8.76 -13.37 -19.79
N ASP A 229 -9.44 -14.49 -20.03
CA ASP A 229 -10.71 -14.77 -19.38
C ASP A 229 -10.56 -15.18 -17.92
N SER A 230 -9.34 -15.46 -17.46
CA SER A 230 -9.10 -15.82 -16.06
C SER A 230 -9.14 -14.61 -15.14
N LEU A 231 -9.31 -13.41 -15.69
CA LEU A 231 -9.40 -12.20 -14.88
C LEU A 231 -10.69 -12.22 -14.08
N VAL A 232 -10.57 -12.21 -12.74
CA VAL A 232 -11.72 -12.24 -11.85
C VAL A 232 -11.90 -10.87 -11.22
N SER A 233 -13.15 -10.52 -10.86
CA SER A 233 -13.41 -9.21 -10.31
C SER A 233 -13.71 -9.23 -8.82
N GLU A 234 -14.03 -10.39 -8.25
CA GLU A 234 -14.26 -10.54 -6.82
C GLU A 234 -13.99 -11.98 -6.44
N ILE A 235 -13.33 -12.20 -5.30
CA ILE A 235 -12.98 -13.54 -4.87
C ILE A 235 -12.94 -13.56 -3.35
N ASP A 236 -13.31 -14.69 -2.75
CA ASP A 236 -13.27 -14.81 -1.30
C ASP A 236 -11.92 -15.34 -0.82
N THR A 237 -11.63 -15.11 0.47
CA THR A 237 -10.31 -15.42 1.02
C THR A 237 -10.00 -16.90 0.97
N GLY A 238 -11.00 -17.75 1.23
CA GLY A 238 -10.77 -19.19 1.18
C GLY A 238 -10.38 -19.66 -0.20
N THR A 239 -11.15 -19.24 -1.22
CA THR A 239 -10.81 -19.59 -2.60
C THR A 239 -9.44 -19.03 -2.98
N LEU A 240 -9.13 -17.81 -2.53
CA LEU A 240 -7.92 -17.14 -2.97
C LEU A 240 -6.69 -17.76 -2.29
N ALA A 241 -6.84 -18.17 -1.03
CA ALA A 241 -5.75 -18.85 -0.34
C ALA A 241 -5.36 -20.14 -1.04
N GLN A 242 -6.36 -20.88 -1.54
CA GLN A 242 -6.06 -22.11 -2.27
C GLN A 242 -5.36 -21.83 -3.58
N LEU A 243 -5.61 -20.67 -4.19
CA LEU A 243 -5.01 -20.32 -5.47
C LEU A 243 -3.61 -19.74 -5.31
N LEU A 244 -3.28 -19.22 -4.13
CA LEU A 244 -2.00 -18.55 -3.91
C LEU A 244 -0.77 -19.34 -4.36
N PRO A 245 -0.63 -20.65 -4.10
CA PRO A 245 0.58 -21.35 -4.56
C PRO A 245 0.80 -21.33 -6.07
N THR A 246 -0.18 -20.93 -6.86
CA THR A 246 -0.11 -21.01 -8.31
C THR A 246 0.18 -19.67 -8.99
N LEU A 247 0.34 -18.60 -8.22
CA LEU A 247 0.43 -17.26 -8.78
C LEU A 247 1.89 -16.86 -8.99
N GLU A 248 2.09 -15.96 -9.96
CA GLU A 248 3.42 -15.45 -10.27
C GLU A 248 4.05 -14.78 -9.05
N SER A 249 5.38 -14.65 -9.10
CA SER A 249 6.14 -14.20 -7.93
C SER A 249 5.73 -12.80 -7.48
N GLY A 250 5.44 -11.92 -8.44
CA GLY A 250 5.14 -10.54 -8.08
C GLY A 250 3.81 -10.37 -7.38
N MET A 251 2.86 -11.26 -7.64
CA MET A 251 1.52 -11.11 -7.09
C MET A 251 1.37 -11.69 -5.69
N VAL A 252 2.25 -12.61 -5.28
CA VAL A 252 2.12 -13.28 -3.99
C VAL A 252 2.05 -12.27 -2.85
N PRO A 253 3.00 -11.33 -2.70
CA PRO A 253 2.90 -10.39 -1.57
C PRO A 253 1.64 -9.56 -1.57
N LYS A 254 1.15 -9.18 -2.75
CA LYS A 254 -0.09 -8.41 -2.83
C LYS A 254 -1.28 -9.25 -2.38
N VAL A 255 -1.27 -10.54 -2.73
CA VAL A 255 -2.36 -11.44 -2.35
C VAL A 255 -2.28 -11.82 -0.87
N GLU A 256 -1.07 -12.14 -0.38
CA GLU A 256 -0.94 -12.40 1.05
C GLU A 256 -1.42 -11.20 1.87
N ALA A 257 -1.09 -9.99 1.41
CA ALA A 257 -1.58 -8.79 2.09
C ALA A 257 -3.10 -8.77 2.17
N CYS A 258 -3.77 -8.94 1.02
CA CYS A 258 -5.23 -8.94 1.01
C CYS A 258 -5.79 -10.03 1.90
N LEU A 259 -5.16 -11.21 1.92
CA LEU A 259 -5.63 -12.30 2.76
C LEU A 259 -5.54 -11.91 4.24
N ARG A 260 -4.36 -11.46 4.67
CA ARG A 260 -4.19 -11.12 6.09
C ARG A 260 -5.15 -10.01 6.51
N ALA A 261 -5.35 -9.01 5.65
CA ALA A 261 -6.21 -7.89 5.99
C ALA A 261 -7.66 -8.33 6.13
N VAL A 262 -8.19 -9.01 5.11
CA VAL A 262 -9.60 -9.38 5.11
C VAL A 262 -9.86 -10.42 6.20
N ILE A 263 -8.96 -11.38 6.37
CA ILE A 263 -9.12 -12.32 7.47
C ILE A 263 -9.02 -11.59 8.79
N GLY A 264 -8.18 -10.55 8.84
CA GLY A 264 -8.09 -9.72 10.03
C GLY A 264 -9.29 -8.84 10.30
N GLY A 265 -10.34 -8.94 9.49
CA GLY A 265 -11.57 -8.19 9.74
C GLY A 265 -11.78 -6.97 8.87
N VAL A 266 -10.82 -6.60 8.02
CA VAL A 266 -11.05 -5.49 7.09
C VAL A 266 -12.10 -5.91 6.07
N PRO A 267 -13.20 -5.16 5.91
CA PRO A 267 -14.32 -5.64 5.08
C PRO A 267 -13.94 -6.01 3.66
N SER A 268 -13.08 -5.25 2.99
CA SER A 268 -12.63 -5.70 1.68
C SER A 268 -11.25 -5.13 1.38
N ALA A 269 -10.46 -5.90 0.62
CA ALA A 269 -9.17 -5.46 0.11
C ALA A 269 -9.19 -5.55 -1.40
N HIS A 270 -8.57 -4.59 -2.08
CA HIS A 270 -8.69 -4.48 -3.52
C HIS A 270 -7.31 -4.42 -4.16
N ILE A 271 -7.09 -5.22 -5.19
CA ILE A 271 -5.90 -5.15 -6.04
C ILE A 271 -6.34 -4.37 -7.27
N ILE A 272 -5.84 -3.15 -7.41
CA ILE A 272 -6.28 -2.28 -8.50
C ILE A 272 -5.09 -1.88 -9.35
N ASP A 273 -5.39 -1.45 -10.57
CA ASP A 273 -4.37 -1.15 -11.58
C ASP A 273 -3.80 0.24 -11.37
N GLY A 274 -2.59 0.32 -10.81
CA GLY A 274 -1.91 1.59 -10.58
C GLY A 274 -1.49 2.33 -11.85
N ARG A 275 -1.58 1.69 -13.02
CA ARG A 275 -1.26 2.37 -14.27
C ARG A 275 -2.42 3.19 -14.81
N VAL A 276 -3.58 3.13 -14.19
CA VAL A 276 -4.75 3.90 -14.60
C VAL A 276 -4.76 5.21 -13.83
N THR A 277 -4.75 6.33 -14.56
CA THR A 277 -4.87 7.64 -13.91
C THR A 277 -6.12 7.70 -13.06
N HIS A 278 -5.96 8.13 -11.81
CA HIS A 278 -7.06 8.24 -10.84
C HIS A 278 -7.68 6.89 -10.52
N CYS A 279 -6.87 5.82 -10.53
CA CYS A 279 -7.40 4.49 -10.19
C CYS A 279 -8.14 4.49 -8.84
N VAL A 280 -7.66 5.24 -7.86
CA VAL A 280 -8.35 5.29 -6.57
C VAL A 280 -9.79 5.78 -6.75
N LEU A 281 -9.96 6.92 -7.44
CA LEU A 281 -11.31 7.41 -7.68
C LEU A 281 -12.15 6.38 -8.41
N VAL A 282 -11.55 5.71 -9.40
CA VAL A 282 -12.29 4.71 -10.17
C VAL A 282 -12.72 3.57 -9.28
N GLU A 283 -11.78 3.02 -8.50
CA GLU A 283 -12.13 1.87 -7.66
C GLU A 283 -13.15 2.25 -6.58
N LEU A 284 -13.04 3.43 -5.99
CA LEU A 284 -13.87 3.75 -4.82
C LEU A 284 -15.25 4.28 -5.19
N PHE A 285 -15.37 5.09 -6.24
CA PHE A 285 -16.58 5.86 -6.48
C PHE A 285 -17.28 5.47 -7.78
N THR A 286 -16.95 4.29 -8.32
CA THR A 286 -17.38 3.86 -9.62
C THR A 286 -17.55 2.34 -9.57
N ASP A 287 -18.46 1.80 -10.38
CA ASP A 287 -18.62 0.36 -10.49
C ASP A 287 -17.85 -0.24 -11.67
N ALA A 288 -16.98 0.53 -12.30
CA ALA A 288 -16.35 0.17 -13.56
C ALA A 288 -14.87 -0.14 -13.42
N GLY A 289 -14.39 -0.37 -12.20
CA GLY A 289 -12.99 -0.68 -12.02
C GLY A 289 -12.62 -2.05 -12.56
N THR A 290 -11.39 -2.15 -13.08
CA THR A 290 -10.88 -3.45 -13.48
C THR A 290 -10.29 -4.24 -12.33
N GLY A 291 -10.12 -3.63 -11.15
CA GLY A 291 -9.48 -4.30 -10.04
C GLY A 291 -10.22 -5.54 -9.57
N THR A 292 -9.65 -6.27 -8.61
CA THR A 292 -10.35 -7.40 -8.00
C THR A 292 -10.52 -7.16 -6.50
N LYS A 293 -11.70 -7.50 -6.00
CA LYS A 293 -12.08 -7.27 -4.61
C LYS A 293 -12.00 -8.57 -3.84
N VAL A 294 -11.36 -8.54 -2.67
CA VAL A 294 -11.25 -9.71 -1.80
C VAL A 294 -12.18 -9.52 -0.61
N VAL A 295 -13.03 -10.51 -0.34
CA VAL A 295 -13.93 -10.53 0.81
C VAL A 295 -13.75 -11.86 1.54
N ARG A 296 -14.25 -11.91 2.78
CA ARG A 296 -14.08 -13.12 3.58
C ARG A 296 -15.10 -14.18 3.19
N GLY A 297 -14.69 -15.44 3.28
CA GLY A 297 -15.56 -16.55 2.95
C GLY A 297 -14.89 -17.91 2.99
S SO4 B . -17.50 -2.01 -3.68
O1 SO4 B . -17.20 -3.39 -3.32
O2 SO4 B . -18.92 -1.88 -3.99
O3 SO4 B . -17.15 -1.16 -2.55
O4 SO4 B . -16.72 -1.61 -4.85
S SO4 C . 23.77 -5.36 -7.75
O1 SO4 C . 24.14 -6.31 -6.71
O2 SO4 C . 23.37 -6.07 -8.96
O3 SO4 C . 22.66 -4.54 -7.24
O4 SO4 C . 24.90 -4.49 -8.08
C1 EDO D . 16.83 -4.24 0.69
O1 EDO D . 15.86 -5.20 0.24
C2 EDO D . 16.18 -3.27 1.68
O2 EDO D . 15.82 -3.96 2.89
C1 EDO E . -3.61 24.32 8.94
O1 EDO E . -4.92 24.82 8.66
C2 EDO E . -3.72 23.24 10.01
O2 EDO E . -2.64 22.32 9.82
#